data_2M22
#
_entry.id   2M22
#
_entity_poly.entity_id   1
_entity_poly.type   'polyribonucleotide'
_entity_poly.pdbx_seq_one_letter_code
;GGCAGAUCUGUAAUAGAACUGCC
;
_entity_poly.pdbx_strand_id   A
#